data_6FCB
#
_entry.id   6FCB
#
_cell.length_a   66.330
_cell.length_b   94.870
_cell.length_c   117.370
_cell.angle_alpha   90.00
_cell.angle_beta   90.00
_cell.angle_gamma   90.00
#
_symmetry.space_group_name_H-M   'I 2 2 2'
#
loop_
_entity.id
_entity.type
_entity.pdbx_description
1 polymer 'S-adenosylmethionine synthase isoform type-2'
2 non-polymer '(DIPHOSPHONO)AMINOPHOSPHONIC ACID'
3 non-polymer 'MAGNESIUM ION'
4 non-polymer 'POTASSIUM ION'
5 non-polymer S-ADENOSYLMETHIONINE
6 non-polymer DI(HYDROXYETHYL)ETHER
7 water water
#
_entity_poly.entity_id   1
_entity_poly.type   'polypeptide(L)'
_entity_poly.pdbx_seq_one_letter_code
;MNGQLNGFHEAFIEEGTFLFTSESVGEGHPDKICDQISDAVLDAHLQQDPDAKVACETVAKTGMILLAGEITSRAAVDYQ
KVVREAVKHIGYDDSSKGFDYKTCNVLVALEQQSGDIAQGVHLDRNEEDIGAGDQGLMFGYATDETEECMPLTIVLAHKL
NAKLAELRRNGTLPWLRPDSKTQVTVQYMQDRGAVLPIRVHTIVISVQHDEEVCLDEMRDALKEKVIKAVVPAKYLDEDT
IYHLQPSGRFVIGGPQGDAGLTGRKIIVDTYGGWGAHGGGAFSGKDYTKVDRSAAYAARWVAKSLVKGGLCRRVLVQVSY
AIGVSHPLSISIFHYGTSQKSERELLEIVKKNFDLRPGVIVRDLDLKKPIYQRTAAYGHFGRDSFPWEVPKKLKY
;
_entity_poly.pdbx_strand_id   A
#
loop_
_chem_comp.id
_chem_comp.type
_chem_comp.name
_chem_comp.formula
K non-polymer 'POTASSIUM ION' 'K 1'
MG non-polymer 'MAGNESIUM ION' 'Mg 2'
PEG non-polymer DI(HYDROXYETHYL)ETHER 'C4 H10 O3'
PPK non-polymer '(DIPHOSPHONO)AMINOPHOSPHONIC ACID' 'H6 N O9 P3'
SAM non-polymer S-ADENOSYLMETHIONINE 'C15 H22 N6 O5 S'
#
# COMPACT_ATOMS: atom_id res chain seq x y z
N GLY A 16 5.83 30.59 -7.56
CA GLY A 16 5.63 29.48 -8.53
C GLY A 16 5.71 28.08 -7.95
N THR A 17 6.53 27.92 -6.89
CA THR A 17 6.86 26.61 -6.28
C THR A 17 6.26 26.44 -4.90
N PHE A 18 6.03 25.17 -4.54
CA PHE A 18 5.51 24.73 -3.23
C PHE A 18 6.30 23.47 -2.86
N LEU A 19 6.43 23.22 -1.56
CA LEU A 19 6.95 21.94 -1.07
C LEU A 19 5.83 20.90 -0.85
N PHE A 20 6.21 19.63 -0.88
CA PHE A 20 5.29 18.52 -0.60
C PHE A 20 6.05 17.31 -0.10
N THR A 21 5.66 16.84 1.09
CA THR A 21 6.31 15.69 1.72
C THR A 21 5.46 14.43 1.61
N SER A 22 6.15 13.28 1.50
CA SER A 22 5.55 11.94 1.64
C SER A 22 6.50 10.99 2.37
N GLU A 23 5.94 10.07 3.17
CA GLU A 23 6.69 8.99 3.83
C GLU A 23 6.44 7.58 3.23
N SER A 24 7.40 6.69 3.47
CA SER A 24 7.21 5.23 3.36
C SER A 24 7.88 4.54 4.55
N VAL A 25 7.58 3.25 4.71
CA VAL A 25 8.24 2.40 5.73
C VAL A 25 8.62 1.00 5.23
N GLY A 26 9.66 0.44 5.81
CA GLY A 26 10.11 -0.87 5.39
C GLY A 26 9.21 -2.02 5.77
N GLU A 27 9.55 -3.19 5.21
CA GLU A 27 8.99 -4.50 5.52
C GLU A 27 8.99 -4.90 7.00
N GLY A 28 9.97 -4.42 7.78
CA GLY A 28 10.03 -4.68 9.21
C GLY A 28 9.40 -3.62 10.14
N HIS A 29 8.77 -2.60 9.58
CA HIS A 29 8.01 -1.63 10.38
C HIS A 29 6.80 -2.35 10.96
N PRO A 30 6.55 -2.20 12.27
CA PRO A 30 5.57 -3.02 12.99
C PRO A 30 4.18 -3.01 12.37
N ASP A 31 3.71 -1.85 11.91
CA ASP A 31 2.46 -1.78 11.17
C ASP A 31 2.59 -2.63 9.92
N LYS A 32 3.57 -2.31 9.10
CA LYS A 32 3.76 -3.03 7.84
C LYS A 32 3.86 -4.56 8.00
N ILE A 33 4.42 -5.04 9.10
CA ILE A 33 4.46 -6.47 9.42
C ILE A 33 3.05 -7.03 9.43
N CYS A 34 2.17 -6.34 10.15
CA CYS A 34 0.80 -6.76 10.30
C CYS A 34 0.13 -6.82 8.95
N ASP A 35 0.24 -5.72 8.19
CA ASP A 35 -0.25 -5.65 6.81
C ASP A 35 0.24 -6.84 5.98
N GLN A 36 1.52 -7.14 6.08
CA GLN A 36 2.08 -8.29 5.39
C GLN A 36 1.56 -9.63 5.91
N ILE A 37 1.47 -9.78 7.22
CA ILE A 37 0.86 -10.97 7.82
C ILE A 37 -0.63 -11.16 7.46
N SER A 38 -1.38 -10.07 7.42
CA SER A 38 -2.80 -10.17 7.10
C SER A 38 -3.05 -10.61 5.67
N ASP A 39 -2.13 -10.29 4.77
CA ASP A 39 -2.19 -10.71 3.36
C ASP A 39 -1.55 -12.10 3.14
N ALA A 40 -0.60 -12.47 3.98
CA ALA A 40 -0.15 -13.87 4.05
C ALA A 40 -1.37 -14.73 4.33
N VAL A 41 -2.09 -14.39 5.40
CA VAL A 41 -3.29 -15.12 5.78
C VAL A 41 -4.34 -15.10 4.66
N LEU A 42 -4.48 -13.98 3.94
CA LEU A 42 -5.43 -13.91 2.83
C LEU A 42 -5.01 -14.80 1.67
N ASP A 43 -3.77 -14.65 1.22
CA ASP A 43 -3.26 -15.46 0.07
C ASP A 43 -3.49 -16.94 0.36
N ALA A 44 -3.17 -17.34 1.60
CA ALA A 44 -3.20 -18.74 2.07
C ALA A 44 -4.56 -19.42 1.93
N HIS A 45 -5.63 -18.62 2.13
CA HIS A 45 -6.98 -19.08 1.91
C HIS A 45 -7.24 -19.11 0.44
N LEU A 46 -7.02 -18.00 -0.24
CA LEU A 46 -7.29 -17.92 -1.69
C LEU A 46 -6.58 -18.99 -2.52
N GLN A 47 -5.49 -19.52 -1.97
CA GLN A 47 -4.74 -20.62 -2.54
C GLN A 47 -5.51 -21.92 -2.55
N GLN A 48 -6.40 -22.10 -1.59
CA GLN A 48 -7.29 -23.27 -1.51
C GLN A 48 -8.75 -23.01 -1.78
N ASP A 49 -9.24 -21.80 -1.49
CA ASP A 49 -10.64 -21.46 -1.67
C ASP A 49 -10.72 -20.07 -2.32
N PRO A 50 -10.77 -20.00 -3.67
CA PRO A 50 -10.87 -18.73 -4.38
C PRO A 50 -11.96 -17.75 -3.89
N ASP A 51 -13.11 -18.27 -3.47
CA ASP A 51 -14.19 -17.39 -3.01
C ASP A 51 -14.20 -17.26 -1.48
N ALA A 52 -13.02 -17.20 -0.86
CA ALA A 52 -12.93 -17.02 0.59
C ALA A 52 -13.41 -15.63 1.00
N LYS A 53 -13.92 -15.56 2.22
CA LYS A 53 -14.37 -14.32 2.81
C LYS A 53 -13.43 -14.07 3.96
N VAL A 54 -12.64 -13.01 3.87
CA VAL A 54 -11.53 -12.81 4.81
C VAL A 54 -11.48 -11.39 5.30
N ALA A 55 -11.51 -11.25 6.63
CA ALA A 55 -11.29 -9.99 7.30
C ALA A 55 -10.35 -10.21 8.48
N CYS A 56 -9.06 -10.44 8.19
CA CYS A 56 -8.06 -10.76 9.21
C CYS A 56 -7.22 -9.53 9.58
N GLU A 57 -7.30 -9.12 10.84
CA GLU A 57 -6.45 -8.06 11.36
C GLU A 57 -5.33 -8.68 12.17
N THR A 58 -4.11 -8.18 11.98
CA THR A 58 -2.96 -8.59 12.74
C THR A 58 -2.54 -7.49 13.66
N VAL A 59 -2.03 -7.88 14.83
CA VAL A 59 -1.43 -6.94 15.75
C VAL A 59 -0.09 -7.46 16.20
N ALA A 60 0.90 -6.58 16.19
CA ALA A 60 2.28 -6.91 16.52
C ALA A 60 2.66 -6.13 17.75
N LYS A 61 3.30 -6.82 18.67
CA LYS A 61 3.99 -6.18 19.78
C LYS A 61 5.05 -7.21 20.23
N THR A 62 5.96 -6.81 21.12
CA THR A 62 7.04 -7.65 21.62
C THR A 62 6.65 -9.08 21.87
N GLY A 63 7.23 -10.00 21.10
CA GLY A 63 6.95 -11.42 21.16
C GLY A 63 5.60 -11.87 20.66
N MET A 64 4.73 -10.96 20.23
CA MET A 64 3.32 -11.26 19.96
C MET A 64 2.93 -10.90 18.55
N ILE A 65 2.37 -11.87 17.86
CA ILE A 65 1.52 -11.62 16.73
C ILE A 65 0.14 -12.12 17.15
N LEU A 66 -0.89 -11.32 16.90
CA LEU A 66 -2.29 -11.70 17.19
C LEU A 66 -3.09 -11.47 15.94
N LEU A 67 -3.99 -12.42 15.68
CA LEU A 67 -4.93 -12.34 14.55
C LEU A 67 -6.36 -12.25 15.04
N ALA A 68 -7.00 -11.15 14.69
CA ALA A 68 -8.38 -10.89 15.10
C ALA A 68 -9.18 -10.64 13.85
N GLY A 69 -10.39 -11.20 13.81
CA GLY A 69 -11.21 -11.05 12.63
C GLY A 69 -12.14 -12.19 12.29
N GLU A 70 -12.60 -12.15 11.04
CA GLU A 70 -13.65 -13.00 10.54
C GLU A 70 -13.18 -13.67 9.27
N ILE A 71 -13.30 -15.00 9.23
CA ILE A 71 -13.00 -15.80 8.07
C ILE A 71 -14.03 -16.94 7.89
N THR A 72 -14.66 -16.97 6.73
CA THR A 72 -15.49 -18.12 6.31
C THR A 72 -14.90 -18.66 5.00
N SER A 73 -14.41 -19.89 5.08
CA SER A 73 -13.63 -20.50 4.02
C SER A 73 -13.67 -22.03 4.14
N ARG A 74 -13.48 -22.71 3.02
CA ARG A 74 -13.30 -24.16 2.99
C ARG A 74 -11.82 -24.57 3.18
N ALA A 75 -10.91 -23.61 3.09
CA ALA A 75 -9.49 -23.90 3.20
C ALA A 75 -9.20 -24.34 4.61
N ALA A 76 -8.28 -25.31 4.71
CA ALA A 76 -7.55 -25.64 5.94
C ALA A 76 -6.24 -24.83 5.97
N VAL A 77 -5.99 -24.09 7.05
CA VAL A 77 -4.85 -23.16 7.12
C VAL A 77 -4.13 -23.28 8.46
N ASP A 78 -2.83 -23.49 8.38
CA ASP A 78 -2.01 -23.52 9.57
C ASP A 78 -1.60 -22.07 9.82
N TYR A 79 -2.37 -21.33 10.61
CA TYR A 79 -2.03 -19.91 10.85
C TYR A 79 -0.60 -19.80 11.42
N GLN A 80 -0.25 -20.70 12.33
CA GLN A 80 1.10 -20.77 12.89
C GLN A 80 2.18 -20.78 11.81
N LYS A 81 2.01 -21.61 10.78
CA LYS A 81 3.01 -21.66 9.70
C LYS A 81 2.97 -20.36 8.89
N VAL A 82 1.76 -19.96 8.54
CA VAL A 82 1.51 -18.81 7.66
C VAL A 82 2.13 -17.52 8.21
N VAL A 83 1.99 -17.33 9.53
CA VAL A 83 2.51 -16.15 10.19
C VAL A 83 4.03 -16.19 10.31
N ARG A 84 4.52 -17.30 10.86
CA ARG A 84 5.94 -17.50 11.08
C ARG A 84 6.76 -17.40 9.79
N GLU A 85 6.29 -17.99 8.69
CA GLU A 85 6.98 -17.82 7.42
C GLU A 85 6.93 -16.36 7.02
N ALA A 86 5.77 -15.74 7.13
CA ALA A 86 5.66 -14.31 6.83
C ALA A 86 6.72 -13.57 7.62
N VAL A 87 6.82 -13.82 8.92
CA VAL A 87 7.85 -13.13 9.74
C VAL A 87 9.29 -13.61 9.37
N LYS A 88 9.46 -14.87 8.97
CA LYS A 88 10.75 -15.34 8.45
C LYS A 88 11.16 -14.53 7.21
N HIS A 89 10.28 -14.43 6.21
CA HIS A 89 10.56 -13.66 4.97
C HIS A 89 10.95 -12.19 5.22
N ILE A 90 10.41 -11.60 6.27
CA ILE A 90 10.71 -10.22 6.64
C ILE A 90 12.17 -10.05 7.06
N GLY A 91 12.73 -11.06 7.73
CA GLY A 91 14.09 -10.96 8.23
C GLY A 91 14.17 -11.06 9.73
N TYR A 92 13.03 -11.03 10.42
CA TYR A 92 13.00 -11.06 11.88
C TYR A 92 13.15 -12.49 12.37
N ASP A 93 14.40 -12.87 12.65
CA ASP A 93 14.77 -14.28 12.79
C ASP A 93 15.86 -14.51 13.87
N ASP A 94 15.91 -13.62 14.87
CA ASP A 94 16.81 -13.77 16.01
C ASP A 94 16.40 -12.77 17.08
N SER A 95 16.61 -13.18 18.32
CA SER A 95 16.30 -12.36 19.49
CA SER A 95 16.34 -12.38 19.52
C SER A 95 17.07 -11.05 19.50
N SER A 96 18.31 -11.07 19.01
CA SER A 96 19.18 -9.89 19.01
C SER A 96 18.73 -8.87 17.97
N LYS A 97 17.90 -9.28 17.00
CA LYS A 97 17.16 -8.34 16.14
C LYS A 97 15.83 -7.74 16.76
N GLY A 98 15.51 -8.12 18.00
CA GLY A 98 14.29 -7.67 18.68
C GLY A 98 12.97 -8.37 18.33
N PHE A 99 13.04 -9.42 17.51
CA PHE A 99 11.89 -10.24 17.13
C PHE A 99 12.35 -11.47 16.36
N ASP A 100 11.68 -12.60 16.58
CA ASP A 100 12.02 -13.86 15.91
C ASP A 100 10.83 -14.81 15.67
N TYR A 101 10.61 -15.11 14.40
CA TYR A 101 9.50 -15.99 13.98
C TYR A 101 9.48 -17.37 14.69
N LYS A 102 10.65 -17.89 15.06
CA LYS A 102 10.76 -19.22 15.69
C LYS A 102 10.10 -19.27 17.05
N THR A 103 10.33 -18.24 17.87
CA THR A 103 10.04 -18.33 19.29
C THR A 103 8.98 -17.41 19.79
N CYS A 104 8.48 -16.51 18.93
CA CYS A 104 7.36 -15.62 19.31
C CYS A 104 6.02 -16.36 19.53
N ASN A 105 5.10 -15.62 20.11
CA ASN A 105 3.77 -16.06 20.33
C ASN A 105 2.90 -15.66 19.14
N VAL A 106 2.03 -16.57 18.74
N VAL A 106 2.03 -16.57 18.74
CA VAL A 106 0.97 -16.28 17.77
CA VAL A 106 0.97 -16.28 17.77
C VAL A 106 -0.38 -16.63 18.42
C VAL A 106 -0.38 -16.63 18.42
N LEU A 107 -1.23 -15.63 18.55
CA LEU A 107 -2.57 -15.81 19.10
C LEU A 107 -3.50 -15.73 17.92
N VAL A 108 -4.49 -16.60 17.92
CA VAL A 108 -5.49 -16.66 16.87
C VAL A 108 -6.87 -16.46 17.48
N ALA A 109 -7.43 -15.27 17.29
CA ALA A 109 -8.79 -14.97 17.73
C ALA A 109 -9.65 -14.74 16.47
N LEU A 110 -9.91 -15.82 15.73
N LEU A 110 -9.91 -15.82 15.73
CA LEU A 110 -10.56 -15.73 14.43
CA LEU A 110 -10.56 -15.73 14.43
C LEU A 110 -11.87 -16.48 14.48
C LEU A 110 -11.87 -16.48 14.48
N GLU A 111 -12.92 -15.86 13.94
CA GLU A 111 -14.27 -16.44 13.96
C GLU A 111 -14.80 -16.58 12.55
N GLN A 112 -16.05 -17.03 12.41
CA GLN A 112 -16.73 -16.90 11.13
C GLN A 112 -17.12 -15.43 10.90
N GLN A 113 -17.34 -15.08 9.65
CA GLN A 113 -18.04 -13.86 9.27
C GLN A 113 -19.44 -13.77 9.91
N SER A 114 -19.83 -12.58 10.38
CA SER A 114 -21.19 -12.42 10.91
C SER A 114 -22.20 -12.88 9.86
N GLY A 115 -23.07 -13.81 10.25
CA GLY A 115 -24.14 -14.33 9.40
C GLY A 115 -25.09 -13.23 8.98
N ASP A 116 -25.27 -12.25 9.85
CA ASP A 116 -25.96 -11.01 9.53
C ASP A 116 -25.31 -10.29 8.33
N ILE A 117 -23.98 -10.18 8.34
CA ILE A 117 -23.29 -9.62 7.16
C ILE A 117 -23.42 -10.57 5.97
N ALA A 118 -23.16 -11.87 6.19
CA ALA A 118 -23.26 -12.92 5.15
C ALA A 118 -24.51 -12.83 4.25
N GLN A 119 -25.67 -12.70 4.87
CA GLN A 119 -26.93 -12.58 4.16
C GLN A 119 -27.07 -11.25 3.40
N GLY A 120 -26.65 -10.15 4.01
CA GLY A 120 -26.67 -8.85 3.34
C GLY A 120 -25.78 -8.71 2.10
N VAL A 121 -24.60 -9.31 2.13
CA VAL A 121 -23.63 -9.08 1.07
C VAL A 121 -23.77 -10.08 -0.06
N HIS A 122 -23.60 -11.37 0.29
CA HIS A 122 -23.27 -12.42 -0.71
C HIS A 122 -24.08 -13.72 -0.84
N LEU A 123 -25.08 -13.98 0.01
CA LEU A 123 -25.90 -15.20 -0.21
C LEU A 123 -27.00 -14.95 -1.26
N ASP A 124 -27.10 -15.85 -2.24
CA ASP A 124 -28.16 -15.85 -3.28
C ASP A 124 -28.24 -14.71 -4.32
N ARG A 125 -27.23 -14.62 -5.18
CA ARG A 125 -27.18 -13.63 -6.28
C ARG A 125 -26.03 -13.92 -7.27
N ASN A 126 -26.20 -13.69 -8.60
CA ASN A 126 -25.09 -13.93 -9.59
C ASN A 126 -23.84 -13.21 -9.11
N GLU A 127 -22.69 -13.90 -9.18
CA GLU A 127 -21.42 -13.34 -8.71
C GLU A 127 -21.17 -11.95 -9.32
N GLU A 128 -21.55 -11.77 -10.59
CA GLU A 128 -21.63 -10.45 -11.26
C GLU A 128 -22.37 -9.37 -10.40
N ASP A 129 -23.61 -9.63 -9.98
CA ASP A 129 -24.40 -8.62 -9.26
C ASP A 129 -24.30 -8.82 -7.73
N ILE A 130 -23.07 -9.00 -7.24
CA ILE A 130 -22.79 -9.04 -5.79
C ILE A 130 -22.82 -7.63 -5.18
N GLY A 131 -23.49 -7.51 -4.02
CA GLY A 131 -23.53 -6.25 -3.30
C GLY A 131 -22.20 -6.01 -2.64
N ALA A 132 -21.95 -4.77 -2.26
CA ALA A 132 -20.73 -4.41 -1.58
C ALA A 132 -20.63 -5.17 -0.26
N GLY A 133 -19.41 -5.31 0.24
CA GLY A 133 -19.16 -5.97 1.53
C GLY A 133 -19.39 -5.09 2.75
N ASP A 134 -19.45 -3.78 2.52
CA ASP A 134 -19.57 -2.75 3.58
C ASP A 134 -19.97 -1.43 2.85
N GLN A 135 -20.32 -0.37 3.60
CA GLN A 135 -20.35 0.98 3.01
C GLN A 135 -18.92 1.52 2.92
N GLY A 136 -18.70 2.48 2.05
CA GLY A 136 -17.44 3.22 2.11
C GLY A 136 -17.21 4.14 0.95
N LEU A 137 -16.15 4.92 1.10
CA LEU A 137 -15.70 5.80 0.06
C LEU A 137 -14.27 5.44 -0.25
N MET A 138 -13.92 5.52 -1.52
CA MET A 138 -12.62 5.11 -1.97
C MET A 138 -12.20 6.10 -3.03
N PHE A 139 -10.90 6.41 -3.05
CA PHE A 139 -10.34 7.33 -4.06
C PHE A 139 -9.35 6.69 -5.04
N GLY A 140 -9.23 7.29 -6.22
CA GLY A 140 -8.22 6.90 -7.19
C GLY A 140 -7.49 8.12 -7.68
N TYR A 141 -6.19 8.00 -7.90
CA TYR A 141 -5.36 9.13 -8.39
C TYR A 141 -4.25 8.72 -9.39
N ALA A 142 -3.85 9.65 -10.24
CA ALA A 142 -2.73 9.44 -11.14
C ALA A 142 -2.21 10.77 -11.61
N THR A 143 -0.91 10.82 -11.82
CA THR A 143 -0.23 12.07 -12.16
C THR A 143 0.87 11.75 -13.18
N ASP A 144 1.08 12.64 -14.14
CA ASP A 144 2.07 12.37 -15.20
C ASP A 144 3.46 12.82 -14.80
N GLU A 145 3.64 13.30 -13.56
CA GLU A 145 4.95 13.69 -13.05
C GLU A 145 5.96 12.58 -13.09
N THR A 146 5.49 11.33 -13.04
CA THR A 146 6.36 10.16 -13.13
C THR A 146 5.86 9.06 -14.07
N GLU A 147 6.80 8.18 -14.42
CA GLU A 147 6.59 7.00 -15.29
C GLU A 147 5.55 6.04 -14.68
N GLU A 148 5.71 5.77 -13.39
CA GLU A 148 4.77 4.99 -12.56
C GLU A 148 3.33 5.61 -12.46
N CYS A 149 3.19 6.85 -12.94
CA CYS A 149 1.96 7.65 -12.87
C CYS A 149 1.58 7.96 -11.39
N MET A 150 2.60 8.22 -10.57
CA MET A 150 2.46 8.45 -9.13
CA MET A 150 2.46 8.45 -9.13
C MET A 150 3.18 9.72 -8.70
N PRO A 151 2.90 10.22 -7.49
CA PRO A 151 3.75 11.32 -7.00
C PRO A 151 5.20 10.87 -6.72
N LEU A 152 6.15 11.75 -7.02
CA LEU A 152 7.57 11.43 -6.88
C LEU A 152 7.91 11.26 -5.43
N THR A 153 7.29 12.07 -4.60
CA THR A 153 7.58 12.08 -3.20
C THR A 153 7.41 10.67 -2.67
N ILE A 154 6.29 10.04 -3.01
CA ILE A 154 5.97 8.69 -2.51
C ILE A 154 6.77 7.58 -3.24
N VAL A 155 6.98 7.78 -4.54
CA VAL A 155 7.74 6.83 -5.33
C VAL A 155 9.14 6.72 -4.74
N LEU A 156 9.82 7.85 -4.55
CA LEU A 156 11.17 7.82 -3.99
C LEU A 156 11.18 7.30 -2.56
N ALA A 157 10.15 7.62 -1.75
CA ALA A 157 10.10 7.10 -0.37
C ALA A 157 10.12 5.58 -0.36
N HIS A 158 9.38 4.99 -1.28
CA HIS A 158 9.29 3.55 -1.39
C HIS A 158 10.60 2.97 -1.84
N LYS A 159 11.18 3.56 -2.88
CA LYS A 159 12.44 3.07 -3.45
C LYS A 159 13.56 3.07 -2.39
N LEU A 160 13.62 4.14 -1.59
CA LEU A 160 14.60 4.21 -0.51
C LEU A 160 14.47 3.08 0.52
N ASN A 161 13.27 2.75 0.97
CA ASN A 161 13.07 1.54 1.78
C ASN A 161 13.38 0.26 0.99
N ALA A 162 13.01 0.24 -0.31
CA ALA A 162 13.37 -0.88 -1.20
C ALA A 162 14.89 -1.09 -1.28
N LYS A 163 15.65 -0.04 -1.53
CA LYS A 163 17.09 -0.18 -1.55
C LYS A 163 17.64 -0.74 -0.23
N LEU A 164 17.16 -0.21 0.90
CA LEU A 164 17.59 -0.74 2.20
C LEU A 164 17.43 -2.27 2.26
N ALA A 165 16.24 -2.75 1.92
CA ALA A 165 15.95 -4.18 1.91
C ALA A 165 16.95 -4.94 1.02
N GLU A 166 17.25 -4.42 -0.17
CA GLU A 166 18.17 -5.04 -1.12
C GLU A 166 19.53 -5.23 -0.45
N LEU A 167 20.04 -4.14 0.10
CA LEU A 167 21.34 -4.09 0.80
C LEU A 167 21.40 -4.92 2.08
N ARG A 168 20.27 -5.06 2.75
CA ARG A 168 20.19 -5.90 3.95
C ARG A 168 20.29 -7.39 3.62
N ARG A 169 19.54 -7.81 2.60
CA ARG A 169 19.43 -9.22 2.25
C ARG A 169 20.53 -9.73 1.37
N ASN A 170 21.29 -8.83 0.76
CA ASN A 170 22.41 -9.23 -0.08
C ASN A 170 23.75 -9.19 0.67
N GLY A 171 23.80 -8.56 1.83
CA GLY A 171 25.00 -8.61 2.67
C GLY A 171 25.72 -7.28 2.81
N THR A 172 25.72 -6.48 1.73
CA THR A 172 26.32 -5.10 1.65
C THR A 172 26.26 -4.22 2.90
N LEU A 173 25.20 -4.35 3.69
CA LEU A 173 25.13 -3.66 4.96
C LEU A 173 24.41 -4.61 5.90
N PRO A 174 25.15 -5.59 6.44
CA PRO A 174 24.49 -6.61 7.23
C PRO A 174 24.14 -6.11 8.65
N TRP A 175 24.41 -4.83 8.91
CA TRP A 175 24.01 -4.11 10.12
C TRP A 175 22.61 -3.56 10.02
N LEU A 176 22.11 -3.32 8.81
CA LEU A 176 20.70 -2.88 8.59
C LEU A 176 19.77 -3.96 9.11
N ARG A 177 18.77 -3.56 9.89
CA ARG A 177 17.77 -4.50 10.34
C ARG A 177 16.48 -4.20 9.60
N PRO A 178 15.41 -4.98 9.86
CA PRO A 178 14.22 -4.85 9.04
C PRO A 178 13.43 -3.58 9.21
N ASP A 179 13.39 -3.00 10.41
CA ASP A 179 12.56 -1.83 10.63
C ASP A 179 13.19 -0.62 10.01
N SER A 180 12.41 0.12 9.20
CA SER A 180 12.82 1.46 8.72
C SER A 180 11.66 2.40 8.33
N LYS A 181 12.01 3.66 8.10
CA LYS A 181 11.09 4.70 7.67
C LYS A 181 11.88 5.68 6.84
N THR A 182 11.34 6.05 5.68
CA THR A 182 11.94 7.11 4.86
C THR A 182 10.91 8.18 4.78
N GLN A 183 11.35 9.38 4.41
CA GLN A 183 10.47 10.51 4.18
C GLN A 183 11.11 11.48 3.21
N VAL A 184 10.33 11.94 2.22
CA VAL A 184 10.87 12.67 1.10
C VAL A 184 10.00 13.89 0.88
N THR A 185 10.68 15.00 0.67
CA THR A 185 10.02 16.25 0.44
C THR A 185 10.52 16.81 -0.89
N VAL A 186 9.61 17.16 -1.78
CA VAL A 186 10.02 17.64 -3.08
C VAL A 186 9.42 19.03 -3.35
N GLN A 187 10.25 19.87 -3.97
CA GLN A 187 9.90 21.23 -4.40
C GLN A 187 9.32 21.11 -5.80
N TYR A 188 8.08 21.51 -5.95
CA TYR A 188 7.35 21.37 -7.20
C TYR A 188 7.13 22.71 -7.83
N MET A 189 6.48 22.69 -8.97
CA MET A 189 6.00 23.88 -9.62
C MET A 189 4.66 23.51 -10.22
N GLN A 190 3.77 24.50 -10.31
CA GLN A 190 2.44 24.33 -10.88
C GLN A 190 2.49 24.61 -12.39
N ASP A 191 2.38 23.58 -13.22
CA ASP A 191 2.22 23.75 -14.68
C ASP A 191 0.75 23.49 -15.11
N ARG A 192 -0.04 24.57 -15.17
CA ARG A 192 -1.43 24.57 -15.71
C ARG A 192 -2.30 23.46 -15.07
N GLY A 193 -2.42 23.49 -13.74
CA GLY A 193 -3.12 22.41 -13.02
C GLY A 193 -2.28 21.16 -12.73
N ALA A 194 -1.42 20.74 -13.66
CA ALA A 194 -0.48 19.65 -13.41
C ALA A 194 0.68 20.10 -12.52
N VAL A 195 1.46 19.14 -12.04
CA VAL A 195 2.67 19.39 -11.21
C VAL A 195 3.98 18.84 -11.81
N LEU A 196 5.06 19.61 -11.61
CA LEU A 196 6.36 19.23 -12.10
C LEU A 196 7.31 19.19 -10.92
N PRO A 197 7.91 18.02 -10.63
CA PRO A 197 8.96 17.97 -9.62
CA PRO A 197 8.95 17.98 -9.61
C PRO A 197 10.19 18.74 -10.08
N ILE A 198 10.82 19.47 -9.17
CA ILE A 198 11.99 20.29 -9.49
C ILE A 198 13.24 19.85 -8.69
N ARG A 199 13.17 19.89 -7.37
CA ARG A 199 14.28 19.39 -6.56
C ARG A 199 13.78 18.67 -5.32
N VAL A 200 14.63 17.79 -4.80
CA VAL A 200 14.46 17.21 -3.48
C VAL A 200 15.00 18.16 -2.39
N HIS A 201 14.09 18.60 -1.53
CA HIS A 201 14.34 19.60 -0.52
C HIS A 201 14.92 19.01 0.77
N THR A 202 14.34 17.88 1.20
CA THR A 202 14.68 17.17 2.43
C THR A 202 14.41 15.66 2.23
N ILE A 203 15.40 14.82 2.50
CA ILE A 203 15.19 13.36 2.64
C ILE A 203 15.41 13.04 4.11
N VAL A 204 14.55 12.16 4.65
CA VAL A 204 14.73 11.59 5.99
C VAL A 204 14.83 10.08 5.87
N ILE A 205 15.79 9.47 6.56
CA ILE A 205 15.85 8.02 6.72
C ILE A 205 16.18 7.71 8.18
N SER A 206 15.34 6.87 8.82
CA SER A 206 15.67 6.24 10.11
C SER A 206 15.47 4.72 10.01
N VAL A 207 16.56 3.94 10.16
CA VAL A 207 16.57 2.46 9.98
C VAL A 207 17.23 1.73 11.17
N GLN A 208 16.54 0.70 11.67
CA GLN A 208 17.02 -0.13 12.79
C GLN A 208 18.40 -0.68 12.46
N HIS A 209 19.26 -0.79 13.46
CA HIS A 209 20.62 -1.29 13.22
C HIS A 209 21.11 -2.13 14.36
N ASP A 210 22.19 -2.88 14.08
CA ASP A 210 22.98 -3.60 15.10
C ASP A 210 23.65 -2.60 16.04
N GLU A 211 23.81 -3.03 17.30
CA GLU A 211 24.42 -2.21 18.34
C GLU A 211 25.78 -1.68 17.86
N GLU A 212 26.58 -2.61 17.33
CA GLU A 212 28.00 -2.43 17.12
C GLU A 212 28.43 -1.43 16.05
N VAL A 213 27.54 -0.97 15.17
CA VAL A 213 27.97 0.09 14.19
C VAL A 213 27.77 1.48 14.75
N CYS A 214 28.68 2.39 14.37
CA CYS A 214 28.57 3.78 14.78
C CYS A 214 27.68 4.56 13.83
N LEU A 215 27.30 5.75 14.30
CA LEU A 215 26.37 6.63 13.62
C LEU A 215 26.96 7.17 12.31
N ASP A 216 28.14 7.78 12.38
CA ASP A 216 28.89 8.29 11.21
C ASP A 216 28.89 7.32 10.03
N GLU A 217 29.22 6.06 10.32
CA GLU A 217 29.30 5.01 9.31
C GLU A 217 27.96 4.78 8.63
N MET A 218 26.89 4.80 9.43
CA MET A 218 25.56 4.61 8.87
C MET A 218 25.18 5.77 7.95
N ARG A 219 25.43 7.00 8.40
CA ARG A 219 24.97 8.19 7.69
C ARG A 219 25.63 8.35 6.34
N ASP A 220 26.93 8.16 6.34
CA ASP A 220 27.72 8.00 5.12
C ASP A 220 27.07 6.96 4.19
N ALA A 221 26.86 5.75 4.68
CA ALA A 221 26.28 4.66 3.87
C ALA A 221 24.89 4.95 3.31
N LEU A 222 24.11 5.72 4.07
CA LEU A 222 22.78 6.08 3.62
C LEU A 222 22.87 7.15 2.56
N LYS A 223 23.70 8.16 2.77
CA LYS A 223 23.91 9.19 1.76
C LYS A 223 24.40 8.58 0.45
N GLU A 224 25.31 7.61 0.55
CA GLU A 224 26.13 7.20 -0.57
C GLU A 224 25.57 6.00 -1.27
N LYS A 225 25.28 4.97 -0.47
CA LYS A 225 24.79 3.67 -0.98
C LYS A 225 23.30 3.67 -1.24
N VAL A 226 22.53 4.45 -0.49
CA VAL A 226 21.06 4.39 -0.60
C VAL A 226 20.48 5.54 -1.43
N ILE A 227 20.61 6.76 -0.93
CA ILE A 227 20.06 7.96 -1.57
C ILE A 227 20.65 8.20 -2.96
N LYS A 228 21.97 8.35 -3.05
CA LYS A 228 22.65 8.56 -4.36
C LYS A 228 22.38 7.45 -5.39
N ALA A 229 22.14 6.22 -4.89
CA ALA A 229 21.69 5.09 -5.73
C ALA A 229 20.25 5.22 -6.18
N VAL A 230 19.42 5.80 -5.33
CA VAL A 230 18.00 5.80 -5.57
C VAL A 230 17.50 7.09 -6.24
N VAL A 231 17.94 8.25 -5.76
CA VAL A 231 17.43 9.53 -6.30
C VAL A 231 18.21 9.92 -7.57
N PRO A 232 17.51 10.25 -8.69
CA PRO A 232 18.23 10.84 -9.84
C PRO A 232 19.02 12.05 -9.37
N ALA A 233 20.28 12.17 -9.77
CA ALA A 233 21.13 13.28 -9.29
C ALA A 233 20.60 14.62 -9.76
N LYS A 234 19.76 14.63 -10.82
CA LYS A 234 19.07 15.84 -11.26
C LYS A 234 18.15 16.47 -10.23
N TYR A 235 17.59 15.64 -9.34
CA TYR A 235 16.76 16.11 -8.22
C TYR A 235 17.54 16.40 -6.92
N LEU A 236 18.85 16.16 -6.90
CA LEU A 236 19.71 16.45 -5.75
C LEU A 236 20.66 17.61 -6.02
N ASP A 237 20.96 18.39 -4.99
CA ASP A 237 21.97 19.46 -5.08
C ASP A 237 22.60 19.81 -3.71
N GLU A 238 23.36 20.91 -3.64
CA GLU A 238 24.14 21.26 -2.44
C GLU A 238 23.23 21.79 -1.31
N ASP A 239 22.03 22.27 -1.66
CA ASP A 239 21.03 22.72 -0.69
C ASP A 239 20.14 21.63 -0.08
N THR A 240 20.11 20.45 -0.71
CA THR A 240 19.31 19.32 -0.21
C THR A 240 19.69 18.94 1.22
N ILE A 241 18.71 18.98 2.12
CA ILE A 241 18.88 18.60 3.53
C ILE A 241 18.76 17.09 3.69
N TYR A 242 19.61 16.51 4.53
CA TYR A 242 19.52 15.08 4.86
C TYR A 242 19.37 14.94 6.35
N HIS A 243 18.42 14.09 6.79
CA HIS A 243 18.24 13.76 8.20
C HIS A 243 18.35 12.26 8.37
N LEU A 244 19.57 11.78 8.59
CA LEU A 244 19.91 10.36 8.46
C LEU A 244 20.19 9.79 9.84
N GLN A 245 19.36 8.85 10.30
CA GLN A 245 19.27 8.52 11.73
C GLN A 245 19.15 9.77 12.61
N PRO A 246 18.09 10.56 12.41
CA PRO A 246 17.89 11.77 13.22
C PRO A 246 17.82 11.56 14.73
N SER A 247 17.35 10.39 15.16
CA SER A 247 17.28 10.07 16.57
C SER A 247 18.66 9.82 17.19
N GLY A 248 19.57 9.24 16.41
CA GLY A 248 20.89 8.82 16.89
C GLY A 248 21.02 7.32 17.08
N ARG A 249 19.96 6.65 17.51
CA ARG A 249 20.05 5.28 17.97
C ARG A 249 18.72 4.61 17.72
N PHE A 250 18.78 3.45 17.10
CA PHE A 250 17.61 2.75 16.66
C PHE A 250 18.00 1.27 16.63
N VAL A 251 18.34 0.74 17.81
CA VAL A 251 18.71 -0.69 17.99
C VAL A 251 17.46 -1.53 18.36
N ILE A 252 16.61 -0.91 19.16
CA ILE A 252 15.28 -1.40 19.48
C ILE A 252 14.31 -1.03 18.33
N GLY A 253 13.85 -2.04 17.60
CA GLY A 253 12.97 -1.82 16.46
C GLY A 253 11.93 -2.91 16.27
N GLY A 254 11.13 -2.75 15.22
CA GLY A 254 10.01 -3.63 14.97
C GLY A 254 9.00 -3.58 16.12
N PRO A 255 8.21 -4.67 16.25
CA PRO A 255 7.18 -4.78 17.29
C PRO A 255 7.66 -4.41 18.69
N GLN A 256 8.91 -4.71 19.03
CA GLN A 256 9.40 -4.42 20.37
C GLN A 256 9.54 -2.92 20.64
N GLY A 257 9.97 -2.15 19.65
CA GLY A 257 9.93 -0.68 19.78
C GLY A 257 8.52 -0.09 19.92
N ASP A 258 7.62 -0.52 19.04
CA ASP A 258 6.37 0.17 18.74
C ASP A 258 5.29 -0.87 18.41
N ALA A 259 4.15 -0.86 19.11
CA ALA A 259 3.03 -1.72 18.68
C ALA A 259 2.65 -1.48 17.23
N GLY A 260 2.24 -2.56 16.57
CA GLY A 260 1.92 -2.60 15.14
C GLY A 260 0.50 -3.06 14.92
N LEU A 261 -0.20 -2.40 14.01
CA LEU A 261 -1.57 -2.74 13.68
C LEU A 261 -1.76 -2.84 12.17
N THR A 262 -2.60 -3.77 11.77
CA THR A 262 -2.97 -3.82 10.40
C THR A 262 -3.73 -2.52 10.07
N GLY A 263 -3.67 -2.12 8.79
CA GLY A 263 -4.31 -0.92 8.28
C GLY A 263 -3.92 0.43 8.87
N ARG A 264 -2.69 0.61 9.34
CA ARG A 264 -2.25 1.87 9.96
C ARG A 264 -1.14 2.54 9.18
N LYS A 265 -0.99 2.13 7.92
CA LYS A 265 -0.09 2.78 6.98
C LYS A 265 -0.84 2.88 5.68
N ILE A 266 -2.06 3.39 5.74
CA ILE A 266 -2.89 3.38 4.55
C ILE A 266 -2.64 4.61 3.64
N ILE A 267 -1.83 5.57 4.09
CA ILE A 267 -1.41 6.70 3.25
C ILE A 267 -0.12 6.39 2.54
N VAL A 268 0.78 5.68 3.23
CA VAL A 268 1.94 4.98 2.63
C VAL A 268 1.47 3.96 1.55
N ASP A 269 0.30 3.38 1.72
CA ASP A 269 -0.12 2.35 0.80
C ASP A 269 -0.65 2.88 -0.53
N THR A 270 -0.77 4.20 -0.65
CA THR A 270 -1.59 4.78 -1.68
C THR A 270 -0.87 5.97 -2.28
N TYR A 271 -1.16 7.21 -1.87
CA TYR A 271 -0.53 8.35 -2.57
C TYR A 271 0.25 9.37 -1.71
N GLY A 272 0.58 9.04 -0.47
CA GLY A 272 1.48 9.86 0.36
C GLY A 272 1.03 11.30 0.65
N GLY A 273 -0.28 11.48 0.85
CA GLY A 273 -0.88 12.80 1.00
C GLY A 273 -1.48 13.40 -0.28
N TRP A 274 -1.10 12.90 -1.45
CA TRP A 274 -1.64 13.43 -2.70
C TRP A 274 -3.04 12.87 -2.91
N GLY A 275 -3.85 13.60 -3.67
N GLY A 275 -3.85 13.60 -3.67
CA GLY A 275 -5.25 13.26 -3.89
CA GLY A 275 -5.25 13.26 -3.89
C GLY A 275 -6.04 13.23 -2.59
C GLY A 275 -6.04 13.23 -2.59
N ALA A 276 -6.55 12.04 -2.25
CA ALA A 276 -7.48 11.86 -1.13
C ALA A 276 -7.58 10.41 -0.73
N HIS A 277 -8.11 10.15 0.46
CA HIS A 277 -8.31 8.80 0.93
C HIS A 277 -9.64 8.67 1.57
N GLY A 278 -10.27 7.51 1.38
CA GLY A 278 -11.62 7.25 1.88
C GLY A 278 -11.76 6.72 3.30
N GLY A 279 -10.64 6.31 3.89
CA GLY A 279 -10.58 5.75 5.25
C GLY A 279 -10.28 4.29 5.29
N GLY A 280 -10.51 3.58 4.19
N GLY A 280 -10.51 3.59 4.18
CA GLY A 280 -10.48 2.12 4.18
CA GLY A 280 -10.48 2.12 4.17
C GLY A 280 -9.12 1.46 4.02
C GLY A 280 -9.11 1.50 4.05
N ALA A 281 -8.83 0.49 4.87
CA ALA A 281 -7.59 -0.32 4.79
C ALA A 281 -7.72 -1.41 3.73
N PHE A 282 -6.58 -1.90 3.27
CA PHE A 282 -6.51 -2.87 2.18
C PHE A 282 -6.21 -4.27 2.68
N SER A 283 -5.12 -4.42 3.43
CA SER A 283 -4.63 -5.73 3.80
C SER A 283 -5.66 -6.46 4.65
N GLY A 284 -5.57 -7.78 4.63
CA GLY A 284 -6.53 -8.64 5.30
C GLY A 284 -7.87 -8.88 4.64
N LYS A 285 -8.11 -8.31 3.47
CA LYS A 285 -9.44 -8.34 2.86
C LYS A 285 -9.50 -8.92 1.46
N ASP A 286 -10.40 -9.89 1.29
CA ASP A 286 -10.80 -10.41 -0.01
C ASP A 286 -11.57 -9.33 -0.84
N TYR A 287 -11.75 -9.63 -2.14
CA TYR A 287 -12.43 -8.76 -3.11
C TYR A 287 -13.75 -8.11 -2.68
N THR A 288 -14.55 -8.76 -1.86
CA THR A 288 -15.91 -8.23 -1.59
C THR A 288 -15.84 -7.03 -0.64
N LYS A 289 -14.72 -6.95 0.06
CA LYS A 289 -14.37 -5.74 0.76
C LYS A 289 -13.95 -4.68 -0.27
N VAL A 290 -14.87 -3.77 -0.48
CA VAL A 290 -14.77 -2.69 -1.44
C VAL A 290 -13.72 -1.65 -1.03
N ASP A 291 -13.38 -1.60 0.25
CA ASP A 291 -12.21 -0.83 0.68
C ASP A 291 -10.98 -1.19 -0.17
N ARG A 292 -10.84 -2.46 -0.51
CA ARG A 292 -9.85 -2.92 -1.48
C ARG A 292 -10.34 -2.84 -2.96
N SER A 293 -11.32 -3.67 -3.34
CA SER A 293 -11.69 -3.80 -4.77
C SER A 293 -11.95 -2.50 -5.51
N ALA A 294 -12.66 -1.57 -4.88
CA ALA A 294 -13.02 -0.28 -5.50
C ALA A 294 -11.85 0.66 -5.55
N ALA A 295 -10.99 0.56 -4.55
CA ALA A 295 -9.84 1.41 -4.47
C ALA A 295 -8.86 1.07 -5.61
N TYR A 296 -8.58 -0.21 -5.79
CA TYR A 296 -7.82 -0.66 -6.94
C TYR A 296 -8.49 -0.28 -8.29
N ALA A 297 -9.82 -0.40 -8.37
CA ALA A 297 -10.57 0.00 -9.57
C ALA A 297 -10.43 1.49 -9.88
N ALA A 298 -10.53 2.30 -8.84
CA ALA A 298 -10.42 3.74 -8.98
C ALA A 298 -9.01 4.17 -9.41
N ARG A 299 -7.98 3.49 -8.88
CA ARG A 299 -6.61 3.64 -9.40
C ARG A 299 -6.61 3.28 -10.88
N TRP A 300 -7.17 2.10 -11.16
CA TRP A 300 -7.20 1.58 -12.51
C TRP A 300 -7.75 2.64 -13.47
N VAL A 301 -8.87 3.25 -13.06
CA VAL A 301 -9.55 4.25 -13.87
C VAL A 301 -8.73 5.53 -14.06
N ALA A 302 -8.11 6.01 -13.00
CA ALA A 302 -7.36 7.27 -13.03
C ALA A 302 -6.14 7.11 -13.91
N LYS A 303 -5.36 6.06 -13.66
CA LYS A 303 -4.22 5.72 -14.52
C LYS A 303 -4.62 5.62 -16.00
N SER A 304 -5.77 5.02 -16.29
CA SER A 304 -6.25 4.95 -17.66
C SER A 304 -6.46 6.31 -18.30
N LEU A 305 -7.13 7.21 -17.58
CA LEU A 305 -7.48 8.54 -18.08
C LEU A 305 -6.26 9.38 -18.37
N VAL A 306 -5.20 9.16 -17.61
CA VAL A 306 -3.99 9.90 -17.85
C VAL A 306 -3.26 9.27 -19.03
N LYS A 307 -2.84 8.00 -18.89
CA LYS A 307 -2.18 7.22 -19.97
C LYS A 307 -2.92 7.32 -21.28
N GLY A 308 -4.25 7.23 -21.20
CA GLY A 308 -5.11 7.35 -22.36
C GLY A 308 -5.33 8.76 -22.90
N GLY A 309 -4.60 9.75 -22.36
CA GLY A 309 -4.45 11.09 -23.00
C GLY A 309 -5.41 12.20 -22.61
N LEU A 310 -6.37 11.92 -21.73
CA LEU A 310 -7.41 12.89 -21.38
C LEU A 310 -7.03 13.87 -20.27
N CYS A 311 -6.00 13.56 -19.49
CA CYS A 311 -5.60 14.44 -18.39
C CYS A 311 -4.19 14.12 -17.92
N ARG A 312 -3.53 15.11 -17.32
CA ARG A 312 -2.19 14.96 -16.72
C ARG A 312 -2.31 14.46 -15.28
N ARG A 313 -3.31 14.97 -14.56
CA ARG A 313 -3.52 14.68 -13.16
C ARG A 313 -5.02 14.49 -12.90
N VAL A 314 -5.41 13.40 -12.25
CA VAL A 314 -6.85 13.16 -12.05
C VAL A 314 -7.16 12.56 -10.67
N LEU A 315 -8.29 12.95 -10.06
CA LEU A 315 -8.80 12.31 -8.86
C LEU A 315 -10.18 11.73 -9.11
N VAL A 316 -10.42 10.55 -8.56
CA VAL A 316 -11.66 9.81 -8.76
C VAL A 316 -12.24 9.31 -7.45
N GLN A 317 -13.42 9.79 -7.03
CA GLN A 317 -14.08 9.18 -5.87
C GLN A 317 -15.02 8.09 -6.35
N VAL A 318 -15.23 7.09 -5.51
CA VAL A 318 -16.44 6.24 -5.57
C VAL A 318 -16.94 6.04 -4.15
N SER A 319 -18.22 5.72 -4.01
CA SER A 319 -18.76 5.27 -2.71
C SER A 319 -19.70 4.10 -2.88
N TYR A 320 -19.90 3.37 -1.77
CA TYR A 320 -20.79 2.20 -1.74
C TYR A 320 -21.71 2.14 -0.51
N ALA A 321 -22.78 1.37 -0.67
CA ALA A 321 -23.61 0.93 0.44
C ALA A 321 -23.45 -0.58 0.61
N ILE A 322 -23.33 -1.03 1.87
CA ILE A 322 -23.36 -2.47 2.17
C ILE A 322 -24.64 -3.16 1.65
N GLY A 323 -24.44 -4.18 0.81
CA GLY A 323 -25.53 -4.91 0.20
C GLY A 323 -25.89 -4.44 -1.19
N VAL A 324 -25.51 -3.21 -1.55
CA VAL A 324 -25.81 -2.65 -2.88
C VAL A 324 -24.58 -2.81 -3.79
N SER A 325 -24.83 -3.18 -5.06
CA SER A 325 -23.78 -3.56 -6.02
CA SER A 325 -23.78 -3.56 -6.01
C SER A 325 -23.20 -2.40 -6.77
N HIS A 326 -24.07 -1.54 -7.30
CA HIS A 326 -23.63 -0.34 -8.00
C HIS A 326 -23.15 0.66 -6.93
N PRO A 327 -22.36 1.67 -7.36
CA PRO A 327 -21.93 2.70 -6.43
C PRO A 327 -22.96 3.76 -6.33
N LEU A 328 -23.00 4.39 -5.18
CA LEU A 328 -23.96 5.44 -4.89
C LEU A 328 -23.58 6.77 -5.56
N SER A 329 -22.28 6.92 -5.84
CA SER A 329 -21.70 8.13 -6.39
C SER A 329 -20.42 7.81 -7.14
N ILE A 330 -20.13 8.60 -8.17
CA ILE A 330 -18.83 8.59 -8.83
C ILE A 330 -18.47 10.05 -9.15
N SER A 331 -17.23 10.43 -8.79
CA SER A 331 -16.70 11.77 -8.99
C SER A 331 -15.29 11.67 -9.64
N ILE A 332 -15.02 12.60 -10.57
CA ILE A 332 -13.79 12.72 -11.37
C ILE A 332 -13.32 14.19 -11.35
N PHE A 333 -12.23 14.46 -10.66
CA PHE A 333 -11.63 15.78 -10.66
C PHE A 333 -10.31 15.73 -11.39
N HIS A 334 -10.14 16.57 -12.40
CA HIS A 334 -8.97 16.54 -13.31
C HIS A 334 -8.04 17.72 -13.12
N TYR A 335 -8.27 18.51 -12.07
CA TYR A 335 -7.41 19.66 -11.70
C TYR A 335 -7.31 20.78 -12.75
N GLY A 336 -8.24 20.84 -13.69
CA GLY A 336 -8.13 21.71 -14.86
C GLY A 336 -7.03 21.33 -15.85
N THR A 337 -6.65 20.06 -15.89
CA THR A 337 -5.66 19.58 -16.87
C THR A 337 -6.29 18.86 -18.06
N SER A 338 -7.59 19.07 -18.28
CA SER A 338 -8.30 18.39 -19.36
C SER A 338 -9.14 19.31 -20.24
N GLN A 339 -8.96 19.15 -21.55
CA GLN A 339 -9.80 19.83 -22.55
C GLN A 339 -11.28 19.49 -22.33
N LYS A 340 -11.59 18.19 -22.21
CA LYS A 340 -12.98 17.72 -22.01
C LYS A 340 -13.52 18.03 -20.60
N SER A 341 -14.84 18.17 -20.52
CA SER A 341 -15.55 18.64 -19.31
C SER A 341 -15.49 17.63 -18.14
N GLU A 342 -16.25 17.90 -17.08
CA GLU A 342 -16.35 17.02 -15.91
C GLU A 342 -17.50 15.99 -16.03
N ARG A 343 -18.63 16.38 -16.64
CA ARG A 343 -19.71 15.43 -16.99
C ARG A 343 -19.29 14.43 -18.11
N GLU A 344 -18.27 14.78 -18.92
CA GLU A 344 -17.81 13.94 -20.07
C GLU A 344 -16.86 12.80 -19.66
N LEU A 345 -15.94 13.07 -18.74
CA LEU A 345 -15.04 12.04 -18.20
C LEU A 345 -15.87 11.01 -17.40
N LEU A 346 -16.80 11.52 -16.61
CA LEU A 346 -17.82 10.70 -15.97
C LEU A 346 -18.46 9.74 -16.99
N GLU A 347 -18.88 10.26 -18.13
CA GLU A 347 -19.53 9.47 -19.17
C GLU A 347 -18.57 8.49 -19.84
N ILE A 348 -17.30 8.86 -20.01
CA ILE A 348 -16.26 7.94 -20.57
C ILE A 348 -15.91 6.79 -19.60
N VAL A 349 -15.82 7.10 -18.32
CA VAL A 349 -15.60 6.12 -17.27
C VAL A 349 -16.80 5.14 -17.27
N LYS A 350 -18.02 5.71 -17.34
CA LYS A 350 -19.27 4.93 -17.29
C LYS A 350 -19.36 4.00 -18.51
N LYS A 351 -19.12 4.53 -19.72
CA LYS A 351 -18.96 3.71 -20.92
C LYS A 351 -17.97 2.55 -20.73
N ASN A 352 -16.93 2.72 -19.91
CA ASN A 352 -15.76 1.83 -19.96
C ASN A 352 -15.42 0.95 -18.77
N PHE A 353 -16.15 1.11 -17.67
CA PHE A 353 -15.84 0.37 -16.46
C PHE A 353 -17.12 -0.11 -15.79
N ASP A 354 -17.03 -1.21 -15.07
CA ASP A 354 -18.16 -1.69 -14.32
C ASP A 354 -17.69 -1.86 -12.88
N LEU A 355 -18.07 -0.87 -12.07
CA LEU A 355 -17.58 -0.72 -10.71
C LEU A 355 -18.42 -1.43 -9.67
N ARG A 356 -19.21 -2.39 -10.12
CA ARG A 356 -19.83 -3.32 -9.20
C ARG A 356 -18.71 -4.31 -8.80
N PRO A 357 -18.52 -4.51 -7.47
CA PRO A 357 -17.37 -5.28 -6.99
C PRO A 357 -17.23 -6.68 -7.60
N GLY A 358 -18.35 -7.31 -7.96
CA GLY A 358 -18.32 -8.60 -8.62
C GLY A 358 -17.86 -8.64 -10.08
N VAL A 359 -17.85 -7.48 -10.75
CA VAL A 359 -17.31 -7.35 -12.14
C VAL A 359 -15.87 -6.89 -12.12
N ILE A 360 -15.57 -6.00 -11.20
CA ILE A 360 -14.19 -5.63 -10.88
C ILE A 360 -13.32 -6.88 -10.75
N VAL A 361 -13.69 -7.77 -9.82
CA VAL A 361 -12.91 -9.01 -9.59
C VAL A 361 -12.55 -9.83 -10.86
N ARG A 362 -13.46 -9.93 -11.84
CA ARG A 362 -13.17 -10.59 -13.13
C ARG A 362 -12.04 -9.86 -13.84
N ASP A 363 -12.24 -8.55 -14.04
CA ASP A 363 -11.31 -7.70 -14.82
C ASP A 363 -9.92 -7.58 -14.17
N LEU A 364 -9.84 -7.50 -12.86
CA LEU A 364 -8.56 -7.31 -12.18
C LEU A 364 -8.04 -8.59 -11.53
N ASP A 365 -8.73 -9.72 -11.75
CA ASP A 365 -8.20 -11.06 -11.43
C ASP A 365 -7.94 -11.21 -9.93
N LEU A 366 -8.88 -10.72 -9.14
CA LEU A 366 -8.67 -10.41 -7.70
C LEU A 366 -8.94 -11.58 -6.75
N LYS A 367 -9.06 -12.77 -7.34
CA LYS A 367 -9.18 -13.97 -6.57
C LYS A 367 -7.83 -14.64 -6.53
N LYS A 368 -6.85 -14.16 -7.31
CA LYS A 368 -5.49 -14.76 -7.34
C LYS A 368 -4.79 -14.34 -6.07
N PRO A 369 -4.13 -15.30 -5.36
CA PRO A 369 -3.47 -14.99 -4.08
C PRO A 369 -2.16 -14.22 -4.24
N ILE A 370 -2.26 -12.98 -4.74
CA ILE A 370 -1.10 -12.13 -5.02
C ILE A 370 -1.02 -10.97 -4.04
N TYR A 371 -1.77 -11.04 -2.94
CA TYR A 371 -1.92 -9.86 -2.06
C TYR A 371 -0.73 -9.55 -1.17
N GLN A 372 0.08 -10.54 -0.86
CA GLN A 372 1.19 -10.34 0.06
C GLN A 372 2.24 -9.43 -0.58
N ARG A 373 2.39 -9.54 -1.89
CA ARG A 373 3.24 -8.60 -2.64
C ARG A 373 2.76 -7.15 -2.49
N THR A 374 1.49 -6.92 -2.19
CA THR A 374 0.98 -5.54 -2.18
C THR A 374 1.26 -4.83 -0.88
N ALA A 375 1.51 -5.60 0.19
CA ALA A 375 1.51 -5.10 1.58
C ALA A 375 2.77 -4.40 2.03
N ALA A 376 3.70 -4.10 1.11
CA ALA A 376 4.88 -3.24 1.36
C ALA A 376 5.30 -2.55 0.08
N TYR A 377 5.78 -1.30 0.20
CA TYR A 377 6.26 -0.51 -0.94
C TYR A 377 5.12 0.07 -1.86
N GLY A 378 3.88 0.03 -1.38
CA GLY A 378 2.75 0.62 -2.08
C GLY A 378 1.92 -0.40 -2.81
N HIS A 379 0.65 -0.13 -2.93
CA HIS A 379 -0.26 -0.95 -3.74
C HIS A 379 -0.37 -0.38 -5.16
N PHE A 380 0.26 0.79 -5.38
CA PHE A 380 0.20 1.51 -6.64
C PHE A 380 1.57 1.95 -7.14
N GLY A 381 1.59 2.33 -8.41
CA GLY A 381 2.79 2.60 -9.18
C GLY A 381 3.71 1.43 -9.39
N ARG A 382 3.23 0.20 -9.19
CA ARG A 382 4.13 -0.96 -9.09
C ARG A 382 4.10 -1.95 -10.25
N ASP A 383 5.19 -2.68 -10.37
CA ASP A 383 5.58 -3.37 -11.60
C ASP A 383 4.38 -3.90 -12.38
N SER A 384 3.83 -5.03 -11.97
CA SER A 384 2.65 -5.55 -12.64
C SER A 384 1.49 -5.23 -11.70
N PHE A 385 0.80 -6.22 -11.13
CA PHE A 385 -0.53 -6.01 -10.56
C PHE A 385 -1.55 -5.64 -11.69
N PRO A 386 -2.77 -6.14 -11.68
CA PRO A 386 -3.65 -5.88 -12.81
C PRO A 386 -4.14 -4.45 -12.90
N TRP A 387 -4.19 -3.77 -11.78
CA TRP A 387 -4.78 -2.45 -11.71
C TRP A 387 -3.84 -1.34 -12.15
N GLU A 388 -2.55 -1.66 -12.30
CA GLU A 388 -1.54 -0.75 -12.85
C GLU A 388 -1.47 -0.81 -14.35
N VAL A 389 -2.13 -1.79 -14.94
CA VAL A 389 -2.13 -1.98 -16.38
C VAL A 389 -3.35 -1.24 -16.93
N PRO A 390 -3.12 -0.11 -17.64
CA PRO A 390 -4.24 0.73 -18.03
C PRO A 390 -5.10 0.06 -19.10
N LYS A 391 -6.42 0.19 -19.00
CA LYS A 391 -7.31 -0.18 -20.11
C LYS A 391 -7.30 0.92 -21.19
N LYS A 392 -7.41 0.50 -22.46
CA LYS A 392 -7.61 1.41 -23.58
C LYS A 392 -9.03 1.96 -23.50
N LEU A 393 -9.21 3.22 -23.87
CA LEU A 393 -10.52 3.86 -23.73
C LEU A 393 -11.14 4.09 -25.08
N LYS A 394 -12.44 3.75 -25.14
CA LYS A 394 -13.31 4.09 -26.26
C LYS A 394 -14.16 5.27 -25.79
N TYR A 395 -14.20 6.32 -26.64
CA TYR A 395 -14.88 7.59 -26.34
C TYR A 395 -15.03 8.36 -27.65
O1G PPK B . -0.86 6.04 12.58
PG PPK B . 0.57 5.74 12.70
O2G PPK B . 0.72 4.13 12.76
O3G PPK B . 1.35 6.35 11.41
N3B PPK B . 1.37 6.48 14.08
PB PPK B . 2.63 5.61 14.96
O1B PPK B . 2.33 4.02 14.97
O2B PPK B . 2.78 6.11 16.34
O3A PPK B . 4.00 5.85 14.13
PA PPK B . 4.29 5.11 12.72
O1A PPK B . 3.46 3.86 12.83
O2A PPK B . 5.76 4.91 12.72
O4A PPK B . 3.81 6.09 11.66
MG MG C . 1.26 1.97 14.04
MG MG D . 2.89 8.11 11.78
K K E . 2.01 2.14 17.05
N SAM F . 4.56 5.03 19.67
CA SAM F . 6.01 5.13 19.63
C SAM F . 6.50 5.50 20.98
O SAM F . 6.73 6.69 21.25
OXT SAM F . 6.67 4.55 21.76
CB SAM F . 6.34 6.16 18.58
CG SAM F . 6.22 5.48 17.23
SD SAM F . 7.68 5.05 16.57
CE SAM F . 8.75 6.29 16.82
C5' SAM F . 7.35 5.00 14.96
C4' SAM F . 8.31 4.14 14.15
O4' SAM F . 9.56 4.81 14.02
C3' SAM F . 8.59 2.79 14.73
O3' SAM F . 7.63 1.84 14.35
C2' SAM F . 9.93 2.48 14.17
O2' SAM F . 9.85 1.88 12.90
C1' SAM F . 10.59 3.83 14.03
N9 SAM F . 11.45 3.96 15.20
C8 SAM F . 11.37 3.24 16.33
N7 SAM F . 12.34 3.59 17.18
C5 SAM F . 13.04 4.53 16.61
C6 SAM F . 14.19 5.31 17.00
N6 SAM F . 14.75 5.12 18.19
N1 SAM F . 14.65 6.21 16.13
C2 SAM F . 14.07 6.39 14.94
N3 SAM F . 13.01 5.71 14.52
C4 SAM F . 12.46 4.79 15.31
C1 PEG G . 1.07 -17.31 -1.55
O1 PEG G . 2.44 -17.50 -1.93
C2 PEG G . 0.77 -18.04 -0.25
O2 PEG G . 1.45 -17.47 0.88
C3 PEG G . 1.09 -18.04 2.14
C4 PEG G . 2.36 -18.62 2.78
O4 PEG G . 3.09 -17.61 3.49
#